data_6TPO
#
_entry.id   6TPO
#
_cell.length_a   67.245
_cell.length_b   67.245
_cell.length_c   277.104
_cell.angle_alpha   90.000
_cell.angle_beta   90.000
_cell.angle_gamma   90.000
#
_symmetry.space_group_name_H-M   'P 43 2 2'
#
loop_
_entity.id
_entity.type
_entity.pdbx_description
1 polymer 'Nitrite reductase'
2 non-polymer 'PENTAETHYLENE GLYCOL'
3 non-polymer (R,R)-2,3-BUTANEDIOL
4 non-polymer 'HEME C'
5 water water
#
_entity_poly.entity_id   1
_entity_poly.type   'polypeptide(L)'
_entity_poly.pdbx_seq_one_letter_code
;KDDMKAAEQYQGAASAVDPAHVVRTNGAPDMSESEFNEAKQIYFQRCAGCHGVLRKGATGKPLTPDITQQRGQQYLEALI
TYGTPLGMPNWGSSGELSKEQITLMAKYIQHTPPQPPEWGMPEMRESWKVLVKPEDRPKKQLNDLDLPNLFSVTLRDAGQ
IALVDGDSKKIVKVIDTGYAVHISRMSASGRYLLVIGRDARIDMIDLWAKEPTKVAEIKIGIEARSVESSKFKGYEDRYT
IAGAYWPPQFAIMDGETLEPKQIVSTRGMTVDTQTYHPEPRVAAIIASHEHPEFIVNVKETGKVLLVNYKDIDNLTVTSI
GAAPFLHDGGWDSSHRYFMTAANNSNKVAVIDSKDRRLSALVDVGKTPHPGRGANFVHPKYGPVWSTSHLGDGSISLIGT
DPKNHPQYAWKKVAELQGQGGGSLFIKTHPKSSHLYVDTTFNPDARISQSVAVFDLKNLDAKYQVLPIAEWADLGEGAKR
VVQPEYNKRGDEVWFSVWNGKNDSSALVVVDDKTLKLKAVVKDPRLITPTGKFNVYNTQHDVY
;
_entity_poly.pdbx_strand_id   A
#
# COMPACT_ATOMS: atom_id res chain seq x y z
N HIS A 21 24.55 23.15 -25.36
CA HIS A 21 25.29 21.91 -25.53
C HIS A 21 24.40 20.80 -26.10
N VAL A 22 25.02 19.68 -26.43
CA VAL A 22 24.34 18.53 -27.02
C VAL A 22 24.53 17.35 -26.07
N VAL A 23 23.43 16.68 -25.73
CA VAL A 23 23.50 15.46 -24.94
C VAL A 23 23.57 14.28 -25.89
N ARG A 24 24.49 13.36 -25.62
CA ARG A 24 24.74 12.24 -26.49
C ARG A 24 24.95 10.99 -25.64
N THR A 25 24.46 9.86 -26.14
CA THR A 25 24.69 8.56 -25.54
C THR A 25 24.89 7.58 -26.68
N ASN A 26 25.85 6.67 -26.53
CA ASN A 26 26.07 5.62 -27.51
C ASN A 26 24.73 4.99 -27.91
N GLY A 27 24.37 5.14 -29.18
CA GLY A 27 23.18 4.49 -29.70
C GLY A 27 21.89 5.25 -29.49
N ALA A 28 21.94 6.44 -28.90
CA ALA A 28 20.74 7.21 -28.64
C ALA A 28 20.65 8.41 -29.58
N PRO A 29 19.44 8.79 -30.01
CA PRO A 29 19.27 10.05 -30.76
C PRO A 29 19.66 11.24 -29.91
N ASP A 30 20.60 12.05 -30.41
CA ASP A 30 21.10 13.17 -29.64
C ASP A 30 19.98 14.16 -29.33
N MET A 31 20.13 14.89 -28.22
CA MET A 31 19.12 15.84 -27.78
C MET A 31 19.74 17.18 -27.43
N SER A 32 18.94 18.23 -27.58
CA SER A 32 19.27 19.53 -27.04
C SER A 32 19.39 19.46 -25.52
N GLU A 33 20.32 20.23 -24.94
CA GLU A 33 20.36 20.35 -23.49
CA GLU A 33 20.35 20.35 -23.49
C GLU A 33 19.00 20.78 -22.95
N SER A 34 18.26 21.57 -23.73
CA SER A 34 16.93 22.02 -23.30
C SER A 34 15.89 20.91 -23.46
N GLU A 35 15.96 20.17 -24.58
CA GLU A 35 15.05 19.04 -24.79
C GLU A 35 15.22 18.01 -23.68
N PHE A 36 16.47 17.71 -23.32
CA PHE A 36 16.76 16.70 -22.30
C PHE A 36 16.21 17.14 -20.95
N ASN A 37 16.42 18.40 -20.58
CA ASN A 37 15.91 18.90 -19.31
C ASN A 37 14.39 18.95 -19.29
N GLU A 38 13.76 19.23 -20.44
CA GLU A 38 12.30 19.17 -20.50
C GLU A 38 11.80 17.73 -20.33
N ALA A 39 12.48 16.77 -20.96
CA ALA A 39 12.08 15.37 -20.82
C ALA A 39 12.36 14.86 -19.41
N LYS A 40 13.51 15.26 -18.85
CA LYS A 40 13.85 14.92 -17.47
C LYS A 40 12.74 15.36 -16.52
N GLN A 41 12.25 16.59 -16.67
CA GLN A 41 11.22 17.08 -15.77
C GLN A 41 9.93 16.27 -15.93
N ILE A 42 9.55 15.97 -17.17
CA ILE A 42 8.37 15.13 -17.38
C ILE A 42 8.58 13.76 -16.75
N TYR A 43 9.75 13.15 -16.99
CA TYR A 43 9.98 11.81 -16.46
C TYR A 43 9.78 11.79 -14.95
N PHE A 44 10.38 12.73 -14.23
CA PHE A 44 10.33 12.64 -12.78
C PHE A 44 9.00 13.08 -12.21
N GLN A 45 8.21 13.87 -12.96
CA GLN A 45 6.87 14.22 -12.50
C GLN A 45 5.83 13.14 -12.82
N ARG A 46 5.95 12.46 -13.95
CA ARG A 46 4.89 11.62 -14.46
C ARG A 46 5.22 10.14 -14.60
N CYS A 47 6.49 9.77 -14.79
CA CYS A 47 6.84 8.40 -15.10
C CYS A 47 7.51 7.66 -13.95
N ALA A 48 8.29 8.35 -13.12
CA ALA A 48 9.18 7.70 -12.16
C ALA A 48 8.41 6.98 -11.06
N GLY A 49 7.19 7.42 -10.75
CA GLY A 49 6.39 6.73 -9.75
C GLY A 49 6.23 5.25 -10.03
N CYS A 50 6.14 4.88 -11.31
CA CYS A 50 6.03 3.49 -11.71
C CYS A 50 7.31 2.89 -12.26
N HIS A 51 8.15 3.67 -12.93
CA HIS A 51 9.32 3.11 -13.60
C HIS A 51 10.61 3.31 -12.82
N GLY A 52 10.60 4.05 -11.71
CA GLY A 52 11.80 4.21 -10.89
C GLY A 52 12.63 5.43 -11.25
N VAL A 53 13.33 5.96 -10.24
CA VAL A 53 14.11 7.18 -10.46
C VAL A 53 15.38 6.93 -11.26
N LEU A 54 15.90 5.72 -11.27
CA LEU A 54 16.98 5.35 -12.18
C LEU A 54 16.48 4.44 -13.31
N ARG A 55 15.16 4.39 -13.52
CA ARG A 55 14.51 3.67 -14.61
C ARG A 55 14.77 2.17 -14.53
N LYS A 56 15.04 1.66 -13.33
CA LYS A 56 15.27 0.23 -13.18
C LYS A 56 13.97 -0.55 -13.08
N GLY A 57 12.85 0.13 -13.00
CA GLY A 57 11.56 -0.51 -12.96
C GLY A 57 11.04 -0.65 -11.55
N ALA A 58 9.73 -0.68 -11.41
CA ALA A 58 9.07 -1.00 -10.16
C ALA A 58 7.75 -1.67 -10.51
N THR A 59 6.65 -0.91 -10.45
CA THR A 59 5.40 -1.38 -11.04
C THR A 59 5.55 -1.55 -12.55
N GLY A 60 6.15 -0.56 -13.22
CA GLY A 60 6.39 -0.65 -14.64
C GLY A 60 7.77 -1.20 -14.96
N LYS A 61 7.94 -1.57 -16.22
CA LYS A 61 9.16 -2.25 -16.66
C LYS A 61 10.38 -1.34 -16.56
N PRO A 62 11.58 -1.92 -16.63
CA PRO A 62 12.79 -1.08 -16.73
C PRO A 62 12.84 -0.35 -18.06
N LEU A 63 13.35 0.89 -18.01
CA LEU A 63 13.48 1.73 -19.19
C LEU A 63 14.91 2.19 -19.34
N THR A 64 15.87 1.32 -19.01
CA THR A 64 17.27 1.64 -19.19
C THR A 64 17.68 1.50 -20.66
N PRO A 65 18.75 2.19 -21.06
CA PRO A 65 19.06 2.27 -22.50
C PRO A 65 19.31 0.92 -23.15
N ASP A 66 19.83 -0.05 -22.41
CA ASP A 66 20.04 -1.37 -23.00
C ASP A 66 18.74 -1.93 -23.56
N ILE A 67 17.62 -1.71 -22.86
CA ILE A 67 16.34 -2.24 -23.29
C ILE A 67 15.68 -1.32 -24.31
N THR A 68 15.66 -0.02 -24.02
CA THR A 68 14.89 0.91 -24.86
C THR A 68 15.52 1.06 -26.24
N GLN A 69 16.85 1.08 -26.32
CA GLN A 69 17.49 1.19 -27.63
C GLN A 69 17.17 -0.02 -28.49
N GLN A 70 17.00 -1.20 -27.88
CA GLN A 70 16.60 -2.37 -28.64
C GLN A 70 15.18 -2.21 -29.20
N ARG A 71 14.29 -1.54 -28.47
CA ARG A 71 12.94 -1.31 -28.96
C ARG A 71 12.92 -0.30 -30.10
N GLY A 72 13.67 0.78 -29.95
CA GLY A 72 13.78 1.78 -31.00
C GLY A 72 12.75 2.89 -30.86
N GLN A 73 13.09 4.05 -31.43
CA GLN A 73 12.30 5.26 -31.27
C GLN A 73 10.82 5.00 -31.53
N GLN A 74 10.50 4.45 -32.68
CA GLN A 74 9.11 4.44 -33.12
C GLN A 74 8.26 3.49 -32.29
N TYR A 75 8.81 2.33 -31.89
CA TYR A 75 8.11 1.48 -30.93
C TYR A 75 7.86 2.23 -29.63
N LEU A 76 8.88 2.93 -29.12
CA LEU A 76 8.72 3.65 -27.86
C LEU A 76 7.64 4.72 -27.96
N GLU A 77 7.65 5.50 -29.04
CA GLU A 77 6.59 6.49 -29.25
C GLU A 77 5.21 5.81 -29.26
N ALA A 78 5.10 4.66 -29.93
CA ALA A 78 3.81 3.99 -30.02
C ALA A 78 3.31 3.57 -28.65
N LEU A 79 4.19 2.96 -27.85
CA LEU A 79 3.79 2.48 -26.53
C LEU A 79 3.39 3.64 -25.61
N ILE A 80 4.19 4.71 -25.61
CA ILE A 80 3.86 5.85 -24.76
C ILE A 80 2.55 6.48 -25.23
N THR A 81 2.33 6.50 -26.55
CA THR A 81 1.13 7.13 -27.09
C THR A 81 -0.13 6.34 -26.71
N TYR A 82 -0.15 5.02 -26.93
CA TYR A 82 -1.40 4.30 -26.71
C TYR A 82 -1.47 3.51 -25.42
N GLY A 83 -0.37 3.37 -24.70
CA GLY A 83 -0.40 2.63 -23.46
C GLY A 83 -0.52 1.14 -23.71
N THR A 84 -0.83 0.43 -22.64
CA THR A 84 -1.11 -0.99 -22.71
C THR A 84 -2.25 -1.31 -21.75
N PRO A 85 -2.92 -2.44 -21.94
CA PRO A 85 -4.03 -2.81 -21.04
C PRO A 85 -3.61 -3.25 -19.64
N LEU A 86 -2.32 -3.34 -19.31
CA LEU A 86 -1.90 -3.80 -18.00
C LEU A 86 -1.25 -2.69 -17.17
N GLY A 87 -1.79 -1.49 -17.28
CA GLY A 87 -1.51 -0.44 -16.34
C GLY A 87 -0.52 0.61 -16.80
N MET A 88 -0.15 0.63 -18.09
CA MET A 88 0.68 1.67 -18.64
C MET A 88 -0.22 2.72 -19.28
N PRO A 89 -0.28 3.95 -18.78
CA PRO A 89 -1.23 4.94 -19.31
C PRO A 89 -1.01 5.23 -20.79
N ASN A 90 -2.10 5.63 -21.44
CA ASN A 90 -2.04 6.09 -22.83
C ASN A 90 -1.78 7.60 -22.85
N TRP A 91 -0.51 7.97 -22.75
CA TRP A 91 -0.19 9.39 -22.56
C TRP A 91 -0.56 10.23 -23.78
N GLY A 92 -0.46 9.68 -24.99
CA GLY A 92 -0.71 10.43 -26.20
C GLY A 92 -2.18 10.54 -26.56
N SER A 93 -2.85 9.39 -26.65
CA SER A 93 -4.27 9.37 -26.99
C SER A 93 -5.13 9.97 -25.89
N SER A 94 -4.61 10.04 -24.66
CA SER A 94 -5.25 10.74 -23.55
C SER A 94 -5.23 12.26 -23.72
N GLY A 95 -4.30 12.79 -24.50
CA GLY A 95 -4.01 14.20 -24.50
C GLY A 95 -3.11 14.67 -23.36
N GLU A 96 -2.69 13.80 -22.44
CA GLU A 96 -1.83 14.26 -21.35
C GLU A 96 -0.51 14.79 -21.88
N LEU A 97 0.05 14.15 -22.90
CA LEU A 97 1.33 14.54 -23.48
C LEU A 97 1.19 14.79 -24.97
N SER A 98 1.94 15.78 -25.45
CA SER A 98 1.97 16.17 -26.84
C SER A 98 2.74 15.15 -27.67
N LYS A 99 2.44 15.12 -28.98
CA LYS A 99 3.23 14.35 -29.91
C LYS A 99 4.71 14.70 -29.78
N GLU A 100 5.02 15.99 -29.66
CA GLU A 100 6.40 16.44 -29.54
C GLU A 100 7.02 15.97 -28.23
N GLN A 101 6.25 16.06 -27.14
CA GLN A 101 6.75 15.61 -25.84
C GLN A 101 6.99 14.10 -25.84
N ILE A 102 6.14 13.33 -26.53
CA ILE A 102 6.30 11.89 -26.56
C ILE A 102 7.55 11.52 -27.35
N THR A 103 7.84 12.25 -28.42
CA THR A 103 9.08 12.04 -29.14
C THR A 103 10.28 12.33 -28.24
N LEU A 104 10.20 13.41 -27.46
CA LEU A 104 11.29 13.72 -26.55
C LEU A 104 11.45 12.64 -25.51
N MET A 105 10.34 12.11 -24.98
CA MET A 105 10.42 11.07 -23.96
C MET A 105 11.02 9.79 -24.53
N ALA A 106 10.65 9.43 -25.76
CA ALA A 106 11.21 8.24 -26.40
C ALA A 106 12.71 8.38 -26.64
N LYS A 107 13.17 9.59 -26.99
CA LYS A 107 14.61 9.84 -27.10
C LYS A 107 15.28 9.77 -25.74
N TYR A 108 14.65 10.40 -24.73
CA TYR A 108 15.25 10.55 -23.42
C TYR A 108 15.54 9.20 -22.77
N ILE A 109 14.60 8.27 -22.84
CA ILE A 109 14.77 6.99 -22.14
C ILE A 109 15.80 6.12 -22.85
N GLN A 110 16.32 6.58 -23.98
CA GLN A 110 17.43 5.87 -24.62
C GLN A 110 18.80 6.41 -24.19
N HIS A 111 18.82 7.51 -23.44
CA HIS A 111 20.05 8.07 -22.91
C HIS A 111 20.34 7.52 -21.51
N THR A 112 21.59 7.69 -21.07
CA THR A 112 21.97 7.28 -19.74
C THR A 112 21.06 7.95 -18.72
N PRO A 113 20.54 7.24 -17.73
CA PRO A 113 19.69 7.87 -16.72
C PRO A 113 20.46 8.91 -15.91
N PRO A 114 19.94 10.13 -15.77
CA PRO A 114 20.61 11.15 -14.97
C PRO A 114 20.30 11.03 -13.48
N GLN A 115 21.00 11.85 -12.70
CA GLN A 115 20.75 11.91 -11.26
C GLN A 115 19.33 12.43 -11.02
N PRO A 116 18.55 11.77 -10.14
CA PRO A 116 17.20 12.29 -9.88
C PRO A 116 17.22 13.52 -9.03
N PRO A 117 16.19 14.37 -9.11
CA PRO A 117 16.18 15.63 -8.38
C PRO A 117 15.83 15.43 -6.90
N GLU A 118 16.19 16.42 -6.10
CA GLU A 118 15.74 16.47 -4.72
C GLU A 118 14.32 17.04 -4.67
N TRP A 119 13.70 17.00 -3.49
CA TRP A 119 12.31 17.41 -3.36
C TRP A 119 12.12 17.84 -1.89
N GLY A 120 12.39 19.12 -1.63
CA GLY A 120 12.33 19.67 -0.30
C GLY A 120 11.13 20.57 -0.08
N MET A 121 11.22 21.38 0.97
CA MET A 121 10.10 22.22 1.37
C MET A 121 9.66 23.14 0.25
N PRO A 122 10.54 23.78 -0.52
CA PRO A 122 10.05 24.62 -1.61
C PRO A 122 9.21 23.87 -2.62
N GLU A 123 9.65 22.67 -3.03
CA GLU A 123 8.90 21.88 -4.00
C GLU A 123 7.59 21.38 -3.39
N MET A 124 7.61 20.95 -2.13
CA MET A 124 6.37 20.52 -1.49
C MET A 124 5.37 21.66 -1.41
N ARG A 125 5.81 22.84 -0.94
CA ARG A 125 4.90 23.96 -0.79
C ARG A 125 4.34 24.43 -2.13
N GLU A 126 5.14 24.33 -3.20
CA GLU A 126 4.65 24.71 -4.51
C GLU A 126 3.57 23.74 -5.01
N SER A 127 3.62 22.48 -4.59
CA SER A 127 2.62 21.51 -5.02
C SER A 127 1.39 21.48 -4.13
N TRP A 128 1.41 22.19 -3.02
CA TRP A 128 0.40 22.13 -1.98
C TRP A 128 -0.82 22.94 -2.38
N LYS A 129 -2.01 22.32 -2.31
CA LYS A 129 -3.28 22.97 -2.59
C LYS A 129 -4.28 22.70 -1.48
N VAL A 130 -4.87 23.76 -0.95
CA VAL A 130 -5.98 23.62 0.00
C VAL A 130 -7.24 24.05 -0.73
N LEU A 131 -8.12 23.08 -1.02
CA LEU A 131 -9.34 23.35 -1.76
C LEU A 131 -10.45 23.86 -0.86
N VAL A 132 -10.50 23.38 0.38
CA VAL A 132 -11.47 23.85 1.37
C VAL A 132 -10.72 24.09 2.66
N LYS A 133 -10.63 25.35 3.08
CA LYS A 133 -9.98 25.70 4.33
C LYS A 133 -10.71 25.04 5.49
N PRO A 134 -10.00 24.66 6.55
CA PRO A 134 -10.68 23.98 7.67
C PRO A 134 -11.88 24.76 8.20
N GLU A 135 -11.78 26.10 8.23
CA GLU A 135 -12.85 26.92 8.77
C GLU A 135 -14.08 26.96 7.86
N ASP A 136 -13.92 26.61 6.59
CA ASP A 136 -15.03 26.54 5.65
C ASP A 136 -15.63 25.14 5.54
N ARG A 137 -15.08 24.15 6.23
CA ARG A 137 -15.60 22.80 6.15
C ARG A 137 -16.77 22.63 7.11
N PRO A 138 -17.61 21.63 6.87
CA PRO A 138 -18.76 21.43 7.74
C PRO A 138 -18.33 21.09 9.17
N LYS A 139 -19.20 21.43 10.12
CA LYS A 139 -18.98 21.16 11.53
C LYS A 139 -19.46 19.79 11.96
N LYS A 140 -20.17 19.08 11.08
CA LYS A 140 -20.59 17.71 11.33
C LYS A 140 -20.80 17.03 9.98
N GLN A 141 -21.14 15.75 10.02
CA GLN A 141 -21.38 14.98 8.80
C GLN A 141 -22.68 15.42 8.12
N LEU A 142 -22.58 15.94 6.90
CA LEU A 142 -23.75 16.47 6.20
C LEU A 142 -24.44 15.44 5.30
N ASN A 143 -23.71 14.44 4.81
CA ASN A 143 -24.33 13.35 4.06
C ASN A 143 -24.89 12.31 5.04
N ASP A 144 -25.69 11.37 4.52
CA ASP A 144 -26.35 10.37 5.34
C ASP A 144 -25.71 8.99 5.21
N LEU A 145 -24.44 8.93 4.83
CA LEU A 145 -23.74 7.66 4.71
C LEU A 145 -23.39 7.08 6.07
N ASP A 146 -23.36 5.74 6.12
CA ASP A 146 -22.80 4.98 7.24
C ASP A 146 -21.28 4.95 7.03
N LEU A 147 -20.60 6.02 7.48
CA LEU A 147 -19.21 6.23 7.11
C LEU A 147 -18.30 5.09 7.59
N PRO A 148 -18.42 4.59 8.83
CA PRO A 148 -17.54 3.50 9.27
C PRO A 148 -17.64 2.25 8.41
N ASN A 149 -18.76 2.06 7.71
CA ASN A 149 -18.92 0.87 6.90
C ASN A 149 -18.73 1.15 5.41
N LEU A 150 -18.21 2.32 5.07
CA LEU A 150 -17.79 2.58 3.70
C LEU A 150 -16.52 1.79 3.40
N PHE A 151 -16.37 1.40 2.13
CA PHE A 151 -15.14 0.84 1.61
C PHE A 151 -14.55 1.80 0.59
N SER A 152 -13.27 2.14 0.76
CA SER A 152 -12.54 2.91 -0.25
C SER A 152 -11.81 1.92 -1.16
N VAL A 153 -12.17 1.89 -2.43
CA VAL A 153 -11.67 0.86 -3.35
C VAL A 153 -10.80 1.49 -4.44
N THR A 154 -9.57 1.00 -4.55
CA THR A 154 -8.64 1.50 -5.57
C THR A 154 -9.06 0.97 -6.93
N LEU A 155 -9.25 1.87 -7.88
CA LEU A 155 -9.49 1.52 -9.28
C LEU A 155 -8.15 1.73 -9.99
N ARG A 156 -7.34 0.69 -10.01
CA ARG A 156 -5.92 0.84 -10.27
C ARG A 156 -5.65 1.55 -11.59
N ASP A 157 -6.18 1.00 -12.68
CA ASP A 157 -5.86 1.50 -14.01
C ASP A 157 -6.67 2.72 -14.42
N ALA A 158 -7.60 3.17 -13.58
CA ALA A 158 -8.41 4.37 -13.85
C ALA A 158 -7.92 5.62 -13.11
N GLY A 159 -6.97 5.49 -12.21
CA GLY A 159 -6.50 6.63 -11.45
C GLY A 159 -7.54 7.20 -10.52
N GLN A 160 -8.36 6.34 -9.91
CA GLN A 160 -9.48 6.79 -9.10
C GLN A 160 -9.64 5.88 -7.89
N ILE A 161 -10.38 6.38 -6.91
CA ILE A 161 -10.93 5.53 -5.86
C ILE A 161 -12.45 5.60 -5.96
N ALA A 162 -13.08 4.50 -5.62
CA ALA A 162 -14.53 4.44 -5.52
C ALA A 162 -14.91 4.24 -4.06
N LEU A 163 -15.87 5.01 -3.58
CA LEU A 163 -16.44 4.82 -2.25
C LEU A 163 -17.67 3.92 -2.40
N VAL A 164 -17.63 2.76 -1.77
CA VAL A 164 -18.70 1.78 -1.86
C VAL A 164 -19.39 1.66 -0.50
N ASP A 165 -20.71 1.82 -0.51
CA ASP A 165 -21.52 1.72 0.70
C ASP A 165 -21.58 0.27 1.15
N GLY A 166 -21.09 -0.01 2.35
CA GLY A 166 -21.06 -1.40 2.81
C GLY A 166 -22.44 -1.98 3.04
N ASP A 167 -23.40 -1.14 3.40
CA ASP A 167 -24.76 -1.59 3.67
C ASP A 167 -25.53 -1.88 2.37
N SER A 168 -25.56 -0.92 1.44
CA SER A 168 -26.37 -1.08 0.25
C SER A 168 -25.64 -1.77 -0.91
N LYS A 169 -24.31 -1.90 -0.82
CA LYS A 169 -23.49 -2.57 -1.83
C LYS A 169 -23.50 -1.79 -3.15
N LYS A 170 -23.59 -0.48 -3.04
CA LYS A 170 -23.63 0.44 -4.18
C LYS A 170 -22.43 1.38 -4.14
N ILE A 171 -21.90 1.72 -5.32
CA ILE A 171 -20.97 2.84 -5.41
C ILE A 171 -21.70 4.14 -5.07
N VAL A 172 -21.13 4.94 -4.19
CA VAL A 172 -21.74 6.23 -3.86
C VAL A 172 -20.92 7.43 -4.33
N LYS A 173 -19.64 7.25 -4.60
CA LYS A 173 -18.83 8.34 -5.11
C LYS A 173 -17.64 7.73 -5.84
N VAL A 174 -17.16 8.45 -6.85
CA VAL A 174 -15.91 8.13 -7.52
C VAL A 174 -15.06 9.40 -7.48
N ILE A 175 -13.79 9.25 -7.14
CA ILE A 175 -12.92 10.40 -6.93
C ILE A 175 -11.65 10.20 -7.74
N ASP A 176 -11.30 11.19 -8.57
CA ASP A 176 -10.05 11.16 -9.32
C ASP A 176 -8.88 11.50 -8.41
N THR A 177 -7.83 10.70 -8.44
CA THR A 177 -6.60 11.06 -7.74
C THR A 177 -5.46 11.20 -8.74
N GLY A 178 -4.96 10.11 -9.30
CA GLY A 178 -4.02 10.20 -10.39
C GLY A 178 -3.62 8.80 -10.77
N TYR A 179 -2.96 8.69 -11.92
CA TYR A 179 -2.36 7.40 -12.27
C TYR A 179 -1.49 6.96 -11.09
N ALA A 180 -1.39 5.65 -10.91
CA ALA A 180 -0.53 5.08 -9.88
C ALA A 180 -1.10 5.23 -8.47
N VAL A 181 -2.38 5.59 -8.36
CA VAL A 181 -3.13 5.50 -7.11
C VAL A 181 -2.78 4.18 -6.44
N HIS A 182 -2.53 4.23 -5.13
CA HIS A 182 -2.00 3.08 -4.43
C HIS A 182 -2.91 2.64 -3.29
N ILE A 183 -2.90 3.35 -2.15
CA ILE A 183 -3.62 2.87 -0.98
C ILE A 183 -4.38 4.01 -0.34
N SER A 184 -5.35 3.63 0.51
CA SER A 184 -6.14 4.53 1.33
C SER A 184 -5.83 4.27 2.80
N ARG A 185 -5.85 5.36 3.59
CA ARG A 185 -5.74 5.33 5.03
C ARG A 185 -6.76 6.31 5.61
N MET A 186 -6.97 6.23 6.92
CA MET A 186 -8.00 7.00 7.61
C MET A 186 -7.38 7.80 8.73
N SER A 187 -7.86 9.03 8.92
CA SER A 187 -7.51 9.77 10.12
C SER A 187 -8.20 9.16 11.35
N ALA A 188 -7.64 9.45 12.52
CA ALA A 188 -8.08 8.79 13.75
C ALA A 188 -9.45 9.28 14.20
N SER A 189 -9.91 10.43 13.70
CA SER A 189 -11.28 10.86 13.96
C SER A 189 -12.33 10.12 13.12
N GLY A 190 -11.93 9.41 12.06
CA GLY A 190 -12.87 8.84 11.12
C GLY A 190 -13.41 9.80 10.08
N ARG A 191 -12.94 11.04 10.06
CA ARG A 191 -13.49 12.04 9.16
C ARG A 191 -12.73 12.13 7.85
N TYR A 192 -11.41 11.96 7.86
CA TYR A 192 -10.60 12.24 6.68
C TYR A 192 -10.02 10.97 6.09
N LEU A 193 -10.23 10.80 4.80
CA LEU A 193 -9.69 9.72 4.01
C LEU A 193 -8.46 10.24 3.29
N LEU A 194 -7.36 9.51 3.46
CA LEU A 194 -6.07 9.86 2.86
C LEU A 194 -5.75 8.86 1.77
N VAL A 195 -5.40 9.35 0.58
CA VAL A 195 -5.00 8.49 -0.51
C VAL A 195 -3.60 8.90 -0.94
N ILE A 196 -2.74 7.91 -1.19
CA ILE A 196 -1.41 8.22 -1.74
C ILE A 196 -1.21 7.41 -3.02
N GLY A 197 -0.56 8.03 -4.01
CA GLY A 197 -0.15 7.34 -5.21
C GLY A 197 1.36 7.05 -5.21
N ARG A 198 1.78 6.17 -6.12
CA ARG A 198 3.19 5.80 -6.20
C ARG A 198 4.08 6.97 -6.61
N ASP A 199 3.52 8.02 -7.20
CA ASP A 199 4.24 9.25 -7.52
C ASP A 199 4.31 10.21 -6.33
N ALA A 200 3.91 9.74 -5.15
CA ALA A 200 4.00 10.51 -3.90
C ALA A 200 2.99 11.66 -3.84
N ARG A 201 1.91 11.57 -4.61
CA ARG A 201 0.80 12.51 -4.51
C ARG A 201 -0.13 12.04 -3.40
N ILE A 202 -0.51 12.96 -2.52
CA ILE A 202 -1.45 12.69 -1.45
C ILE A 202 -2.72 13.50 -1.68
N ASP A 203 -3.86 12.85 -1.52
CA ASP A 203 -5.16 13.52 -1.53
C ASP A 203 -5.82 13.31 -0.19
N MET A 204 -6.39 14.38 0.34
CA MET A 204 -7.12 14.35 1.61
C MET A 204 -8.59 14.61 1.32
N ILE A 205 -9.46 13.69 1.72
CA ILE A 205 -10.88 13.74 1.38
C ILE A 205 -11.70 13.87 2.66
N ASP A 206 -12.59 14.85 2.69
CA ASP A 206 -13.48 15.07 3.83
C ASP A 206 -14.75 14.25 3.65
N LEU A 207 -14.89 13.18 4.45
CA LEU A 207 -16.08 12.35 4.37
C LEU A 207 -17.32 13.02 4.96
N TRP A 208 -17.20 14.18 5.59
CA TRP A 208 -18.37 14.86 6.15
C TRP A 208 -19.04 15.82 5.18
N ALA A 209 -18.43 16.12 4.05
CA ALA A 209 -19.05 17.02 3.08
C ALA A 209 -20.32 16.40 2.52
N LYS A 210 -21.19 17.27 1.99
CA LYS A 210 -22.48 16.82 1.45
C LYS A 210 -22.28 15.64 0.51
N GLU A 211 -21.29 15.74 -0.37
CA GLU A 211 -20.68 14.58 -0.99
C GLU A 211 -19.21 14.59 -0.61
N PRO A 212 -18.65 13.47 -0.14
CA PRO A 212 -17.22 13.43 0.19
C PRO A 212 -16.38 14.13 -0.87
N THR A 213 -15.48 15.00 -0.43
CA THR A 213 -14.82 15.97 -1.29
C THR A 213 -13.34 16.08 -0.97
N LYS A 214 -12.51 16.20 -2.00
CA LYS A 214 -11.10 16.53 -1.79
C LYS A 214 -10.98 17.91 -1.17
N VAL A 215 -10.25 18.01 -0.06
CA VAL A 215 -10.04 19.30 0.58
C VAL A 215 -8.57 19.75 0.54
N ALA A 216 -7.63 18.85 0.25
CA ALA A 216 -6.23 19.25 0.17
C ALA A 216 -5.45 18.20 -0.59
N GLU A 217 -4.37 18.65 -1.21
CA GLU A 217 -3.48 17.78 -1.98
C GLU A 217 -2.05 18.28 -1.81
N ILE A 218 -1.09 17.37 -1.93
CA ILE A 218 0.33 17.74 -1.87
C ILE A 218 1.15 16.63 -2.50
N LYS A 219 2.37 16.95 -2.91
CA LYS A 219 3.30 15.98 -3.47
C LYS A 219 4.55 15.99 -2.58
N ILE A 220 4.87 14.84 -1.99
CA ILE A 220 5.93 14.81 -0.98
C ILE A 220 7.22 14.18 -1.50
N GLY A 221 7.29 13.83 -2.78
CA GLY A 221 8.47 13.19 -3.31
C GLY A 221 8.26 12.86 -4.76
N ILE A 222 9.12 11.99 -5.30
CA ILE A 222 9.07 11.55 -6.69
C ILE A 222 8.43 10.17 -6.77
N GLU A 223 8.66 9.36 -5.74
CA GLU A 223 8.24 7.96 -5.69
C GLU A 223 7.95 7.61 -4.24
N ALA A 224 6.81 6.99 -3.96
CA ALA A 224 6.46 6.73 -2.56
C ALA A 224 5.48 5.56 -2.48
N ARG A 225 5.30 5.03 -1.25
CA ARG A 225 4.32 3.98 -1.02
C ARG A 225 3.45 4.22 0.22
N SER A 226 3.82 5.09 1.14
CA SER A 226 3.16 5.00 2.43
C SER A 226 2.69 6.35 2.95
N VAL A 227 1.55 6.31 3.64
CA VAL A 227 0.96 7.47 4.27
C VAL A 227 0.26 6.94 5.52
N GLU A 228 0.17 7.79 6.55
CA GLU A 228 -0.50 7.38 7.79
C GLU A 228 -0.88 8.62 8.58
N SER A 229 -1.86 8.45 9.46
CA SER A 229 -2.33 9.53 10.31
CA SER A 229 -2.35 9.51 10.32
C SER A 229 -1.97 9.23 11.77
N SER A 230 -1.94 10.29 12.58
CA SER A 230 -1.60 10.15 14.01
C SER A 230 -2.73 9.46 14.78
N LYS A 231 -2.40 8.35 15.44
CA LYS A 231 -3.45 7.56 16.09
C LYS A 231 -3.31 7.43 17.60
N PHE A 232 -2.35 8.09 18.20
CA PHE A 232 -2.25 8.10 19.66
C PHE A 232 -3.38 8.94 20.24
N LYS A 233 -3.98 8.45 21.32
CA LYS A 233 -5.13 9.12 21.91
C LYS A 233 -4.83 10.59 22.15
N GLY A 234 -5.76 11.45 21.75
CA GLY A 234 -5.60 12.88 21.93
C GLY A 234 -5.01 13.62 20.76
N TYR A 235 -4.50 12.90 19.75
CA TYR A 235 -3.86 13.50 18.59
C TYR A 235 -4.66 13.28 17.31
N GLU A 236 -5.96 13.06 17.44
CA GLU A 236 -6.80 12.82 16.28
C GLU A 236 -6.69 13.98 15.32
N ASP A 237 -6.37 13.67 14.06
CA ASP A 237 -6.25 14.66 12.99
C ASP A 237 -5.09 15.63 13.18
N ARG A 238 -4.15 15.38 14.09
CA ARG A 238 -3.10 16.38 14.29
C ARG A 238 -2.03 16.31 13.21
N TYR A 239 -1.58 15.11 12.84
CA TYR A 239 -0.50 14.98 11.87
C TYR A 239 -0.76 13.88 10.87
N THR A 240 -0.31 14.11 9.64
CA THR A 240 -0.25 13.12 8.57
C THR A 240 1.22 12.96 8.19
N ILE A 241 1.67 11.72 8.00
CA ILE A 241 3.05 11.46 7.63
C ILE A 241 3.06 10.70 6.33
N ALA A 242 4.09 10.92 5.52
CA ALA A 242 4.25 10.17 4.29
C ALA A 242 5.72 9.85 4.10
N GLY A 243 5.98 8.71 3.50
CA GLY A 243 7.35 8.24 3.29
C GLY A 243 7.61 8.01 1.82
N ALA A 244 8.80 8.40 1.36
CA ALA A 244 9.16 8.32 -0.03
C ALA A 244 10.26 7.29 -0.24
N TYR A 245 10.20 6.70 -1.43
CA TYR A 245 11.32 5.96 -2.00
C TYR A 245 12.41 6.93 -2.45
N TRP A 246 12.01 7.98 -3.18
CA TRP A 246 12.91 9.01 -3.64
C TRP A 246 12.23 10.36 -3.51
N PRO A 247 12.90 11.38 -2.95
CA PRO A 247 14.19 11.28 -2.26
C PRO A 247 14.01 10.38 -1.04
N PRO A 248 15.09 9.88 -0.46
CA PRO A 248 14.94 9.04 0.74
C PRO A 248 14.59 9.92 1.92
N GLN A 249 13.30 9.99 2.23
CA GLN A 249 12.82 10.93 3.24
C GLN A 249 11.40 10.59 3.65
N PHE A 250 11.00 11.13 4.81
CA PHE A 250 9.60 11.20 5.16
C PHE A 250 9.26 12.64 5.53
N ALA A 251 7.98 12.97 5.43
CA ALA A 251 7.52 14.32 5.69
C ALA A 251 6.36 14.26 6.69
N ILE A 252 6.39 15.12 7.70
CA ILE A 252 5.26 15.26 8.61
C ILE A 252 4.50 16.52 8.23
N MET A 253 3.18 16.37 8.05
CA MET A 253 2.31 17.45 7.61
C MET A 253 1.22 17.70 8.63
N ASP A 254 0.71 18.92 8.63
CA ASP A 254 -0.48 19.26 9.41
C ASP A 254 -1.66 18.38 9.03
N GLY A 255 -2.26 17.73 10.03
CA GLY A 255 -3.34 16.79 9.76
C GLY A 255 -4.60 17.42 9.18
N GLU A 256 -4.79 18.73 9.36
CA GLU A 256 -5.99 19.38 8.87
C GLU A 256 -5.82 19.97 7.47
N THR A 257 -4.59 20.30 7.07
CA THR A 257 -4.37 21.03 5.83
C THR A 257 -3.37 20.40 4.88
N LEU A 258 -2.61 19.40 5.33
CA LEU A 258 -1.44 18.83 4.67
C LEU A 258 -0.29 19.82 4.56
N GLU A 259 -0.32 20.94 5.28
CA GLU A 259 0.81 21.84 5.26
C GLU A 259 2.09 21.10 5.67
N PRO A 260 3.15 21.14 4.88
CA PRO A 260 4.38 20.44 5.28
C PRO A 260 5.05 21.16 6.43
N LYS A 261 5.38 20.39 7.48
CA LYS A 261 5.96 20.93 8.70
C LYS A 261 7.41 20.51 8.92
N GLN A 262 7.73 19.22 8.78
CA GLN A 262 9.08 18.71 9.00
C GLN A 262 9.39 17.66 7.94
N ILE A 263 10.60 17.73 7.37
CA ILE A 263 11.08 16.74 6.41
C ILE A 263 12.35 16.14 7.01
N VAL A 264 12.45 14.81 6.99
CA VAL A 264 13.59 14.12 7.57
C VAL A 264 14.18 13.17 6.52
N SER A 265 15.48 13.31 6.28
CA SER A 265 16.21 12.43 5.38
C SER A 265 16.41 11.05 6.02
N THR A 266 16.28 10.00 5.22
CA THR A 266 16.60 8.64 5.67
C THR A 266 17.93 8.12 5.14
N ARG A 267 18.68 8.94 4.42
CA ARG A 267 20.04 8.55 4.05
C ARG A 267 20.85 8.26 5.30
N GLY A 268 21.70 7.23 5.25
CA GLY A 268 22.44 6.89 6.44
C GLY A 268 23.10 5.53 6.37
N MET A 269 23.47 5.03 7.55
CA MET A 269 24.29 3.83 7.66
C MET A 269 23.42 2.58 7.76
N THR A 270 23.92 1.50 7.18
CA THR A 270 23.25 0.21 7.20
C THR A 270 23.40 -0.47 8.55
N VAL A 271 22.44 -1.35 8.87
CA VAL A 271 22.47 -2.05 10.14
C VAL A 271 23.48 -3.19 10.12
N ASP A 272 23.70 -3.80 8.96
CA ASP A 272 24.55 -5.00 8.93
C ASP A 272 26.03 -4.68 8.72
N THR A 273 26.35 -3.72 7.85
CA THR A 273 27.74 -3.39 7.55
C THR A 273 28.18 -2.05 8.11
N GLN A 274 27.24 -1.24 8.59
CA GLN A 274 27.49 0.13 9.05
C GLN A 274 28.35 0.88 8.05
N THR A 275 27.89 0.88 6.80
CA THR A 275 28.44 1.68 5.72
C THR A 275 27.33 2.58 5.18
N TYR A 276 27.74 3.67 4.55
CA TYR A 276 26.78 4.67 4.13
C TYR A 276 25.98 4.18 2.92
N HIS A 277 24.66 4.34 3.00
CA HIS A 277 23.78 3.98 1.90
C HIS A 277 23.11 5.23 1.33
N PRO A 278 23.28 5.51 0.03
CA PRO A 278 22.75 6.77 -0.52
C PRO A 278 21.28 6.77 -0.90
N GLU A 279 20.56 5.64 -0.86
CA GLU A 279 19.13 5.62 -1.18
C GLU A 279 18.35 4.64 -0.30
N PRO A 280 18.20 4.94 1.00
CA PRO A 280 17.39 4.06 1.85
C PRO A 280 15.91 4.42 1.75
N ARG A 281 15.16 3.62 1.01
CA ARG A 281 13.75 3.90 0.74
C ARG A 281 12.90 3.68 1.98
N VAL A 282 11.88 4.51 2.16
CA VAL A 282 10.90 4.26 3.21
C VAL A 282 9.93 3.19 2.71
N ALA A 283 9.91 2.06 3.39
CA ALA A 283 9.12 0.91 2.93
C ALA A 283 7.68 0.97 3.38
N ALA A 284 7.42 1.51 4.58
CA ALA A 284 6.11 1.38 5.22
C ALA A 284 6.10 2.26 6.46
N ILE A 285 4.90 2.76 6.79
CA ILE A 285 4.68 3.53 8.00
C ILE A 285 3.39 3.07 8.64
N ILE A 286 3.43 2.82 9.95
CA ILE A 286 2.21 2.59 10.73
C ILE A 286 2.28 3.51 11.94
N ALA A 287 1.15 3.63 12.65
CA ALA A 287 1.03 4.60 13.73
C ALA A 287 1.00 3.88 15.07
N SER A 288 1.79 4.37 16.02
CA SER A 288 1.87 3.80 17.35
C SER A 288 0.61 4.10 18.15
N HIS A 289 0.23 3.14 18.98
CA HIS A 289 -0.85 3.32 19.93
C HIS A 289 -0.34 3.43 21.36
N GLU A 290 0.92 3.08 21.59
CA GLU A 290 1.56 3.17 22.90
C GLU A 290 2.11 4.56 23.20
N HIS A 291 2.49 5.31 22.16
CA HIS A 291 3.08 6.62 22.31
C HIS A 291 2.67 7.47 21.11
N PRO A 292 2.78 8.81 21.22
CA PRO A 292 2.55 9.66 20.03
C PRO A 292 3.70 9.56 19.06
N GLU A 293 3.70 8.47 18.29
CA GLU A 293 4.84 8.12 17.46
C GLU A 293 4.35 7.47 16.19
N PHE A 294 5.13 7.65 15.13
CA PHE A 294 5.01 6.92 13.88
C PHE A 294 6.13 5.89 13.80
N ILE A 295 5.83 4.72 13.28
CA ILE A 295 6.82 3.68 13.06
C ILE A 295 7.16 3.67 11.57
N VAL A 296 8.42 3.97 11.25
CA VAL A 296 8.87 4.13 9.87
C VAL A 296 9.91 3.07 9.56
N ASN A 297 9.59 2.17 8.63
CA ASN A 297 10.54 1.16 8.17
C ASN A 297 11.41 1.72 7.05
N VAL A 298 12.73 1.68 7.24
CA VAL A 298 13.68 2.12 6.23
C VAL A 298 14.35 0.89 5.64
N LYS A 299 14.12 0.68 4.36
CA LYS A 299 14.39 -0.61 3.73
C LYS A 299 15.87 -0.97 3.69
N GLU A 300 16.68 -0.25 2.91
CA GLU A 300 18.04 -0.72 2.61
C GLU A 300 18.95 -0.67 3.84
N THR A 301 18.72 0.27 4.75
CA THR A 301 19.54 0.35 5.95
C THR A 301 19.02 -0.53 7.08
N GLY A 302 17.79 -1.03 6.95
CA GLY A 302 17.27 -1.99 7.92
C GLY A 302 16.97 -1.40 9.28
N LYS A 303 16.44 -0.18 9.31
CA LYS A 303 16.17 0.52 10.55
C LYS A 303 14.66 0.72 10.70
N VAL A 304 14.17 0.50 11.91
CA VAL A 304 12.80 0.84 12.26
C VAL A 304 12.89 2.11 13.10
N LEU A 305 12.33 3.21 12.59
CA LEU A 305 12.38 4.49 13.30
C LEU A 305 11.07 4.71 14.04
N LEU A 306 11.18 5.05 15.34
CA LEU A 306 10.05 5.51 16.13
C LEU A 306 10.13 7.03 16.21
N VAL A 307 9.25 7.71 15.46
CA VAL A 307 9.30 9.15 15.26
C VAL A 307 8.23 9.80 16.12
N ASN A 308 8.67 10.57 17.12
CA ASN A 308 7.78 11.13 18.14
C ASN A 308 7.31 12.52 17.73
N TYR A 309 5.99 12.71 17.71
CA TYR A 309 5.37 13.96 17.28
C TYR A 309 4.74 14.75 18.43
N LYS A 310 5.07 14.40 19.67
CA LYS A 310 4.66 15.25 20.79
C LYS A 310 5.22 16.66 20.63
N ASP A 311 6.44 16.77 20.11
CA ASP A 311 7.07 18.06 19.83
C ASP A 311 7.72 17.90 18.47
N ILE A 312 7.16 18.51 17.42
CA ILE A 312 7.78 18.27 16.13
C ILE A 312 8.89 19.27 15.81
N ASP A 313 9.04 20.35 16.58
CA ASP A 313 10.21 21.21 16.38
C ASP A 313 11.47 20.64 17.03
N ASN A 314 11.33 19.97 18.17
CA ASN A 314 12.43 19.30 18.85
C ASN A 314 12.14 17.80 18.68
N LEU A 315 12.53 17.28 17.53
CA LEU A 315 12.00 16.01 17.04
C LEU A 315 12.83 14.84 17.57
N THR A 316 12.19 13.91 18.28
CA THR A 316 12.90 12.76 18.83
C THR A 316 12.63 11.55 17.95
N VAL A 317 13.70 10.83 17.59
CA VAL A 317 13.63 9.62 16.78
C VAL A 317 14.48 8.56 17.47
N THR A 318 13.90 7.38 17.68
CA THR A 318 14.63 6.20 18.14
C THR A 318 14.83 5.28 16.94
N SER A 319 16.07 4.92 16.66
CA SER A 319 16.40 4.11 15.50
C SER A 319 16.75 2.71 15.98
N ILE A 320 15.91 1.74 15.62
CA ILE A 320 16.05 0.36 16.07
C ILE A 320 16.59 -0.47 14.92
N GLY A 321 17.76 -1.05 15.10
CA GLY A 321 18.34 -1.89 14.07
C GLY A 321 17.57 -3.20 13.97
N ALA A 322 17.20 -3.58 12.76
CA ALA A 322 16.41 -4.77 12.58
C ALA A 322 17.17 -5.70 11.65
N ALA A 323 16.88 -5.64 10.36
CA ALA A 323 17.57 -6.42 9.35
C ALA A 323 17.49 -5.67 8.02
N PRO A 324 18.49 -5.84 7.15
CA PRO A 324 18.46 -5.14 5.87
C PRO A 324 17.25 -5.53 5.03
N PHE A 325 16.84 -4.58 4.18
CA PHE A 325 15.72 -4.75 3.24
C PHE A 325 14.41 -5.06 3.95
N LEU A 326 14.12 -4.26 4.98
CA LEU A 326 12.83 -4.32 5.65
C LEU A 326 11.72 -4.11 4.65
N HIS A 327 10.60 -4.79 4.89
CA HIS A 327 9.40 -4.67 4.07
C HIS A 327 8.28 -4.00 4.87
N ASP A 328 7.08 -4.53 4.69
CA ASP A 328 5.89 -4.16 5.43
C ASP A 328 5.97 -4.71 6.86
N GLY A 329 4.94 -4.39 7.64
CA GLY A 329 4.73 -5.05 8.92
C GLY A 329 3.34 -4.74 9.43
N GLY A 330 3.00 -5.31 10.58
CA GLY A 330 1.73 -5.03 11.20
C GLY A 330 1.80 -5.20 12.70
N TRP A 331 0.80 -4.62 13.39
CA TRP A 331 0.66 -4.78 14.83
C TRP A 331 0.18 -6.18 15.19
N ASP A 332 0.60 -6.63 16.38
CA ASP A 332 -0.05 -7.76 17.02
C ASP A 332 -1.43 -7.33 17.52
N SER A 333 -2.17 -8.27 18.10
CA SER A 333 -3.55 -8.00 18.50
C SER A 333 -3.63 -6.92 19.57
N SER A 334 -2.60 -6.78 20.41
CA SER A 334 -2.61 -5.80 21.48
C SER A 334 -2.16 -4.42 21.03
N HIS A 335 -1.76 -4.28 19.77
CA HIS A 335 -1.28 -3.02 19.21
C HIS A 335 -0.05 -2.52 19.95
N ARG A 336 0.79 -3.42 20.44
CA ARG A 336 2.04 -3.04 21.07
C ARG A 336 3.28 -3.47 20.29
N TYR A 337 3.27 -4.66 19.69
CA TYR A 337 4.44 -5.23 19.05
C TYR A 337 4.29 -5.15 17.54
N PHE A 338 5.32 -4.62 16.90
CA PHE A 338 5.36 -4.44 15.47
C PHE A 338 6.09 -5.63 14.86
N MET A 339 5.37 -6.40 14.03
CA MET A 339 5.88 -7.63 13.43
C MET A 339 6.29 -7.31 11.99
N THR A 340 7.56 -7.51 11.66
CA THR A 340 8.05 -7.08 10.35
C THR A 340 9.08 -8.08 9.83
N ALA A 341 9.16 -8.15 8.52
CA ALA A 341 10.09 -9.06 7.86
C ALA A 341 10.99 -8.29 6.91
N ALA A 342 12.15 -8.86 6.66
CA ALA A 342 13.09 -8.42 5.65
C ALA A 342 13.15 -9.47 4.55
N ASN A 343 13.37 -9.00 3.31
CA ASN A 343 13.54 -9.89 2.17
C ASN A 343 14.79 -10.74 2.39
N ASN A 344 14.80 -11.93 1.81
CA ASN A 344 15.98 -12.78 1.90
C ASN A 344 16.23 -13.23 3.33
N SER A 345 15.17 -13.37 4.13
CA SER A 345 15.32 -13.77 5.52
C SER A 345 14.18 -14.66 5.98
N ASN A 346 14.51 -15.64 6.81
CA ASN A 346 13.52 -16.48 7.46
C ASN A 346 13.11 -15.97 8.83
N LYS A 347 13.41 -14.72 9.15
CA LYS A 347 13.18 -14.19 10.48
C LYS A 347 12.13 -13.09 10.43
N VAL A 348 11.31 -13.04 11.48
CA VAL A 348 10.36 -11.95 11.71
C VAL A 348 10.92 -11.12 12.87
N ALA A 349 11.12 -9.83 12.62
CA ALA A 349 11.58 -8.93 13.66
C ALA A 349 10.39 -8.46 14.47
N VAL A 350 10.54 -8.41 15.78
CA VAL A 350 9.49 -7.97 16.69
C VAL A 350 10.00 -6.72 17.41
N ILE A 351 9.35 -5.58 17.13
CA ILE A 351 9.71 -4.32 17.76
C ILE A 351 8.68 -4.00 18.82
N ASP A 352 9.15 -3.77 20.04
CA ASP A 352 8.28 -3.37 21.15
C ASP A 352 8.13 -1.86 21.07
N SER A 353 6.95 -1.40 20.62
CA SER A 353 6.72 0.03 20.46
C SER A 353 6.53 0.75 21.80
N LYS A 354 6.27 0.00 22.88
CA LYS A 354 6.11 0.64 24.19
C LYS A 354 7.47 0.93 24.82
N ASP A 355 8.33 -0.09 24.91
CA ASP A 355 9.67 0.04 25.46
C ASP A 355 10.69 0.50 24.43
N ARG A 356 10.29 0.60 23.16
CA ARG A 356 11.10 1.15 22.08
C ARG A 356 12.40 0.36 21.89
N ARG A 357 12.25 -0.95 21.68
CA ARG A 357 13.40 -1.83 21.53
C ARG A 357 13.05 -3.00 20.62
N LEU A 358 14.08 -3.61 20.06
CA LEU A 358 13.92 -4.89 19.38
C LEU A 358 13.69 -5.98 20.43
N SER A 359 12.61 -6.73 20.28
CA SER A 359 12.26 -7.76 21.25
C SER A 359 12.75 -9.15 20.86
N ALA A 360 12.79 -9.45 19.58
CA ALA A 360 13.07 -10.80 19.12
C ALA A 360 13.27 -10.80 17.62
N LEU A 361 13.97 -11.83 17.14
CA LEU A 361 14.05 -12.17 15.72
C LEU A 361 13.59 -13.63 15.62
N VAL A 362 12.39 -13.85 15.10
CA VAL A 362 11.70 -15.13 15.21
C VAL A 362 11.96 -15.92 13.95
N ASP A 363 12.55 -17.10 14.09
CA ASP A 363 12.82 -17.96 12.95
C ASP A 363 11.54 -18.70 12.59
N VAL A 364 10.99 -18.45 11.40
CA VAL A 364 9.81 -19.18 10.95
C VAL A 364 10.15 -20.18 9.85
N GLY A 365 11.44 -20.38 9.59
CA GLY A 365 11.88 -21.48 8.75
C GLY A 365 11.78 -21.20 7.26
N LYS A 366 10.88 -20.31 6.87
CA LYS A 366 10.63 -19.97 5.48
C LYS A 366 10.53 -18.47 5.39
N THR A 367 10.63 -17.95 4.18
CA THR A 367 10.60 -16.50 4.02
C THR A 367 9.19 -15.98 4.21
N PRO A 368 8.95 -15.06 5.15
CA PRO A 368 7.60 -14.53 5.32
C PRO A 368 7.23 -13.60 4.17
N HIS A 369 5.97 -13.65 3.78
CA HIS A 369 5.47 -12.75 2.74
C HIS A 369 5.13 -11.41 3.36
N PRO A 370 5.61 -10.28 2.80
CA PRO A 370 5.30 -8.97 3.38
C PRO A 370 3.81 -8.74 3.54
N GLY A 371 3.43 -8.11 4.65
CA GLY A 371 2.04 -7.79 4.88
C GLY A 371 1.79 -7.50 6.34
N ARG A 372 0.58 -7.03 6.60
CA ARG A 372 0.15 -6.76 7.96
CA ARG A 372 0.15 -6.76 7.96
C ARG A 372 0.05 -8.03 8.80
N GLY A 373 -0.14 -9.18 8.15
CA GLY A 373 -0.37 -10.42 8.88
C GLY A 373 -1.81 -10.54 9.31
N ALA A 374 -2.09 -11.57 10.12
CA ALA A 374 -3.41 -11.78 10.68
C ALA A 374 -3.27 -12.24 12.11
N ASN A 375 -3.97 -11.57 13.01
CA ASN A 375 -3.97 -11.90 14.43
C ASN A 375 -5.22 -12.68 14.82
N PHE A 376 -5.05 -13.75 15.58
CA PHE A 376 -6.19 -14.44 16.15
C PHE A 376 -5.72 -15.19 17.39
N VAL A 377 -6.70 -15.70 18.13
CA VAL A 377 -6.43 -16.49 19.32
C VAL A 377 -6.44 -17.96 18.93
N HIS A 378 -5.31 -18.64 19.16
CA HIS A 378 -5.20 -20.08 19.02
C HIS A 378 -5.64 -20.71 20.34
N PRO A 379 -6.51 -21.72 20.34
CA PRO A 379 -7.01 -22.25 21.62
C PRO A 379 -5.90 -22.70 22.53
N LYS A 380 -4.87 -23.33 21.98
CA LYS A 380 -3.74 -23.80 22.77
C LYS A 380 -2.67 -22.74 22.96
N TYR A 381 -2.27 -22.02 21.90
CA TYR A 381 -1.09 -21.17 21.98
C TYR A 381 -1.37 -19.73 22.41
N GLY A 382 -2.65 -19.35 22.52
CA GLY A 382 -3.00 -18.02 22.91
C GLY A 382 -2.95 -17.10 21.71
N PRO A 383 -2.86 -15.79 21.94
CA PRO A 383 -2.77 -14.86 20.81
C PRO A 383 -1.59 -15.17 19.92
N VAL A 384 -1.85 -15.24 18.61
CA VAL A 384 -0.82 -15.45 17.61
C VAL A 384 -0.96 -14.44 16.50
N TRP A 385 0.16 -14.18 15.86
CA TRP A 385 0.26 -13.40 14.62
C TRP A 385 0.73 -14.37 13.55
N SER A 386 0.20 -14.22 12.36
CA SER A 386 0.37 -15.21 11.30
C SER A 386 0.86 -14.53 10.03
N THR A 387 1.69 -15.25 9.28
CA THR A 387 2.26 -14.76 8.04
C THR A 387 2.29 -15.88 7.02
N SER A 388 2.03 -15.57 5.75
CA SER A 388 2.02 -16.58 4.71
C SER A 388 3.40 -16.69 4.05
N HIS A 389 3.58 -17.76 3.29
CA HIS A 389 4.81 -18.06 2.57
C HIS A 389 4.45 -18.21 1.10
N LEU A 390 4.99 -17.30 0.28
CA LEU A 390 4.56 -17.14 -1.10
C LEU A 390 4.78 -18.40 -1.93
N GLY A 391 5.88 -19.10 -1.68
CA GLY A 391 6.24 -20.21 -2.54
C GLY A 391 5.36 -21.43 -2.37
N ASP A 392 5.05 -21.80 -1.12
CA ASP A 392 4.39 -23.09 -0.87
C ASP A 392 3.01 -22.98 -0.24
N GLY A 393 2.52 -21.78 0.08
CA GLY A 393 1.18 -21.63 0.59
C GLY A 393 0.99 -21.98 2.04
N SER A 394 2.07 -22.28 2.76
CA SER A 394 1.99 -22.47 4.20
C SER A 394 1.88 -21.13 4.93
N ILE A 395 1.46 -21.20 6.20
CA ILE A 395 1.25 -20.04 7.06
C ILE A 395 1.87 -20.35 8.41
N SER A 396 2.78 -19.49 8.87
CA SER A 396 3.44 -19.64 10.16
C SER A 396 2.71 -18.82 11.21
N LEU A 397 2.56 -19.41 12.40
CA LEU A 397 1.97 -18.76 13.56
C LEU A 397 3.03 -18.50 14.63
N ILE A 398 3.01 -17.28 15.18
CA ILE A 398 3.95 -16.86 16.21
C ILE A 398 3.16 -16.42 17.44
N GLY A 399 3.55 -16.90 18.62
CA GLY A 399 2.94 -16.41 19.85
C GLY A 399 3.33 -14.96 20.13
N THR A 400 2.34 -14.16 20.54
CA THR A 400 2.57 -12.73 20.75
C THR A 400 2.13 -12.25 22.12
N ASP A 401 2.17 -13.12 23.13
CA ASP A 401 1.68 -12.80 24.47
C ASP A 401 2.70 -13.20 25.53
N PRO A 402 3.70 -12.34 25.78
CA PRO A 402 4.69 -12.63 26.84
C PRO A 402 4.09 -12.66 28.23
N LYS A 403 2.92 -12.05 28.45
CA LYS A 403 2.32 -11.98 29.78
C LYS A 403 1.71 -13.32 30.17
N ASN A 404 0.75 -13.81 29.40
CA ASN A 404 0.01 -15.00 29.78
C ASN A 404 0.41 -16.25 29.02
N HIS A 405 1.19 -16.13 27.95
CA HIS A 405 1.70 -17.29 27.23
C HIS A 405 3.20 -17.12 26.99
N PRO A 406 3.98 -16.92 28.05
CA PRO A 406 5.42 -16.67 27.87
C PRO A 406 6.15 -17.84 27.26
N GLN A 407 5.63 -19.06 27.42
CA GLN A 407 6.28 -20.24 26.87
C GLN A 407 6.18 -20.28 25.35
N TYR A 408 5.31 -19.47 24.75
CA TYR A 408 5.13 -19.43 23.30
C TYR A 408 5.53 -18.10 22.68
N ALA A 409 5.87 -17.11 23.48
CA ALA A 409 6.08 -15.76 22.95
C ALA A 409 7.34 -15.70 22.09
N TRP A 410 7.19 -15.11 20.91
CA TRP A 410 8.28 -14.91 19.95
C TRP A 410 8.86 -16.25 19.50
N LYS A 411 8.02 -17.27 19.44
CA LYS A 411 8.35 -18.54 18.87
C LYS A 411 7.32 -18.90 17.81
N LYS A 412 7.77 -19.55 16.75
CA LYS A 412 6.84 -20.17 15.82
C LYS A 412 6.19 -21.39 16.48
N VAL A 413 4.87 -21.36 16.65
CA VAL A 413 4.19 -22.42 17.39
C VAL A 413 3.50 -23.43 16.48
N ALA A 414 3.23 -23.08 15.23
CA ALA A 414 2.45 -23.96 14.36
C ALA A 414 2.54 -23.48 12.92
N GLU A 415 2.13 -24.34 12.01
CA GLU A 415 2.10 -24.05 10.58
C GLU A 415 0.81 -24.59 9.99
N LEU A 416 0.06 -23.73 9.29
CA LEU A 416 -1.11 -24.13 8.53
C LEU A 416 -0.72 -24.31 7.07
N GLN A 417 -1.52 -25.09 6.34
CA GLN A 417 -1.27 -25.31 4.92
C GLN A 417 -2.49 -24.89 4.10
N GLY A 418 -2.30 -23.91 3.20
CA GLY A 418 -3.34 -23.51 2.29
C GLY A 418 -3.34 -24.33 1.01
N GLN A 419 -4.06 -23.82 0.00
CA GLN A 419 -4.17 -24.53 -1.28
C GLN A 419 -2.84 -24.59 -2.02
N GLY A 420 -1.99 -23.59 -1.84
CA GLY A 420 -0.73 -23.54 -2.53
C GLY A 420 -0.20 -22.12 -2.52
N GLY A 421 0.92 -21.95 -3.19
CA GLY A 421 1.59 -20.66 -3.20
C GLY A 421 0.80 -19.61 -3.94
N GLY A 422 1.27 -18.37 -3.80
CA GLY A 422 0.68 -17.27 -4.52
C GLY A 422 -0.27 -16.43 -3.70
N SER A 423 -0.37 -16.66 -2.40
N SER A 423 -0.35 -16.64 -2.39
CA SER A 423 -1.17 -15.81 -1.55
CA SER A 423 -1.17 -15.81 -1.55
C SER A 423 -0.56 -14.41 -1.44
C SER A 423 -0.57 -14.42 -1.40
N LEU A 424 -1.43 -13.40 -1.50
CA LEU A 424 -1.03 -12.01 -1.30
C LEU A 424 -1.56 -11.46 0.02
N PHE A 425 -2.70 -11.98 0.49
CA PHE A 425 -3.34 -11.47 1.69
C PHE A 425 -3.96 -12.62 2.48
N ILE A 426 -3.78 -12.57 3.79
CA ILE A 426 -4.52 -13.39 4.72
C ILE A 426 -5.24 -12.45 5.68
N LYS A 427 -6.39 -12.86 6.18
CA LYS A 427 -7.24 -11.90 6.89
C LYS A 427 -8.15 -12.59 7.89
N THR A 428 -8.25 -11.97 9.06
CA THR A 428 -9.27 -12.33 10.04
C THR A 428 -9.78 -11.03 10.67
N HIS A 429 -10.65 -11.19 11.68
CA HIS A 429 -11.25 -10.07 12.34
C HIS A 429 -11.52 -10.55 13.76
N PRO A 430 -11.40 -9.70 14.78
CA PRO A 430 -11.58 -10.19 16.16
C PRO A 430 -12.95 -10.77 16.43
N LYS A 431 -13.96 -10.36 15.69
CA LYS A 431 -15.32 -10.88 15.84
C LYS A 431 -15.62 -12.04 14.88
N SER A 432 -14.62 -12.58 14.21
CA SER A 432 -14.80 -13.66 13.26
C SER A 432 -14.10 -14.91 13.75
N SER A 433 -14.69 -16.06 13.42
N SER A 433 -14.68 -16.08 13.45
CA SER A 433 -14.10 -17.37 13.70
CA SER A 433 -14.05 -17.36 13.74
C SER A 433 -13.37 -17.95 12.51
C SER A 433 -13.39 -17.96 12.50
N HIS A 434 -13.13 -17.16 11.47
CA HIS A 434 -12.54 -17.64 10.24
C HIS A 434 -11.27 -16.87 9.89
N LEU A 435 -10.39 -17.55 9.15
CA LEU A 435 -9.19 -16.98 8.57
C LEU A 435 -9.25 -17.20 7.06
N TYR A 436 -9.17 -16.12 6.30
CA TYR A 436 -9.31 -16.16 4.86
C TYR A 436 -7.94 -16.01 4.21
N VAL A 437 -7.68 -16.80 3.17
CA VAL A 437 -6.41 -16.82 2.48
C VAL A 437 -6.66 -16.78 0.97
N ASP A 438 -6.24 -15.71 0.30
CA ASP A 438 -6.36 -15.71 -1.16
C ASP A 438 -5.17 -16.45 -1.77
N THR A 439 -5.18 -16.59 -3.09
CA THR A 439 -4.11 -17.30 -3.80
C THR A 439 -4.01 -16.67 -5.19
N THR A 440 -4.02 -15.33 -5.20
CA THR A 440 -4.05 -14.52 -6.41
C THR A 440 -3.05 -14.95 -7.47
N PHE A 441 -1.82 -15.25 -7.06
CA PHE A 441 -0.76 -15.59 -8.00
C PHE A 441 -0.46 -17.08 -8.06
N ASN A 442 -1.39 -17.93 -7.62
CA ASN A 442 -1.19 -19.36 -7.84
C ASN A 442 -1.31 -19.66 -9.33
N PRO A 443 -0.46 -20.54 -9.87
CA PRO A 443 -0.51 -20.81 -11.32
C PRO A 443 -1.67 -21.68 -11.77
N ASP A 444 -2.37 -22.36 -10.85
CA ASP A 444 -3.56 -23.13 -11.17
C ASP A 444 -4.77 -22.21 -11.14
N ALA A 445 -5.53 -22.19 -12.24
CA ALA A 445 -6.62 -21.21 -12.37
C ALA A 445 -7.72 -21.43 -11.34
N ARG A 446 -8.05 -22.68 -11.01
CA ARG A 446 -9.10 -22.91 -10.03
C ARG A 446 -8.70 -22.39 -8.65
N ILE A 447 -7.42 -22.50 -8.30
CA ILE A 447 -6.94 -22.01 -7.02
C ILE A 447 -6.82 -20.50 -7.00
N SER A 448 -6.35 -19.88 -8.09
CA SER A 448 -6.27 -18.43 -8.11
C SER A 448 -7.65 -17.79 -8.11
N GLN A 449 -8.67 -18.54 -8.53
CA GLN A 449 -10.05 -18.04 -8.58
C GLN A 449 -10.83 -18.31 -7.30
N SER A 450 -10.21 -18.87 -6.28
CA SER A 450 -10.91 -19.26 -5.06
C SER A 450 -10.14 -18.79 -3.84
N VAL A 451 -10.78 -18.91 -2.67
CA VAL A 451 -10.14 -18.58 -1.42
C VAL A 451 -10.36 -19.72 -0.43
N ALA A 452 -9.36 -19.93 0.41
CA ALA A 452 -9.38 -20.92 1.47
C ALA A 452 -9.85 -20.24 2.74
N VAL A 453 -10.67 -20.94 3.52
CA VAL A 453 -11.17 -20.43 4.78
C VAL A 453 -10.90 -21.48 5.85
N PHE A 454 -10.15 -21.10 6.88
CA PHE A 454 -9.84 -21.96 8.01
C PHE A 454 -10.81 -21.65 9.15
N ASP A 455 -11.11 -22.69 9.91
CA ASP A 455 -11.99 -22.59 11.07
C ASP A 455 -11.11 -22.40 12.31
N LEU A 456 -11.14 -21.19 12.87
CA LEU A 456 -10.25 -20.92 13.99
C LEU A 456 -10.63 -21.73 15.22
N LYS A 457 -11.86 -22.24 15.27
CA LYS A 457 -12.31 -23.12 16.34
C LYS A 457 -11.94 -24.58 16.09
N ASN A 458 -11.38 -24.89 14.91
CA ASN A 458 -10.83 -26.24 14.69
C ASN A 458 -9.70 -26.12 13.66
N LEU A 459 -8.55 -25.63 14.13
CA LEU A 459 -7.41 -25.41 13.23
C LEU A 459 -6.74 -26.70 12.81
N ASP A 460 -7.10 -27.84 13.40
CA ASP A 460 -6.62 -29.12 12.90
C ASP A 460 -7.35 -29.55 11.63
N ALA A 461 -8.48 -28.94 11.29
CA ALA A 461 -9.23 -29.38 10.12
C ALA A 461 -8.72 -28.65 8.88
N LYS A 462 -8.84 -29.32 7.74
CA LYS A 462 -8.50 -28.69 6.47
C LYS A 462 -9.39 -27.49 6.22
N TYR A 463 -8.85 -26.51 5.50
CA TYR A 463 -9.65 -25.38 5.07
C TYR A 463 -10.82 -25.82 4.18
N GLN A 464 -11.78 -24.92 4.04
CA GLN A 464 -12.83 -25.01 3.04
C GLN A 464 -12.51 -24.03 1.91
N VAL A 465 -12.98 -24.34 0.70
CA VAL A 465 -12.72 -23.49 -0.47
C VAL A 465 -14.01 -22.82 -0.89
N LEU A 466 -13.96 -21.51 -1.06
CA LEU A 466 -15.07 -20.73 -1.58
C LEU A 466 -14.79 -20.35 -3.02
N PRO A 467 -15.73 -20.60 -3.94
CA PRO A 467 -15.51 -20.32 -5.38
C PRO A 467 -15.82 -18.87 -5.74
N ILE A 468 -14.95 -17.97 -5.26
CA ILE A 468 -15.25 -16.53 -5.32
C ILE A 468 -15.43 -16.07 -6.77
N ALA A 469 -14.49 -16.41 -7.64
CA ALA A 469 -14.60 -15.92 -9.02
C ALA A 469 -15.84 -16.48 -9.70
N GLU A 470 -16.17 -17.74 -9.45
CA GLU A 470 -17.36 -18.31 -10.08
C GLU A 470 -18.62 -17.57 -9.64
N TRP A 471 -18.68 -17.21 -8.36
CA TRP A 471 -19.82 -16.45 -7.83
C TRP A 471 -19.93 -15.08 -8.49
N ALA A 472 -18.81 -14.47 -8.87
CA ALA A 472 -18.82 -13.16 -9.50
C ALA A 472 -19.51 -13.18 -10.86
N ASP A 473 -19.54 -14.35 -11.55
CA ASP A 473 -20.27 -14.51 -12.81
C ASP A 473 -19.78 -13.52 -13.87
N LEU A 474 -18.50 -13.67 -14.24
CA LEU A 474 -17.85 -12.73 -15.14
C LEU A 474 -17.49 -13.34 -16.48
N GLY A 475 -18.05 -14.49 -16.82
CA GLY A 475 -17.75 -15.14 -18.09
C GLY A 475 -16.45 -15.92 -18.05
N GLU A 476 -16.15 -16.55 -19.20
CA GLU A 476 -14.95 -17.36 -19.31
C GLU A 476 -13.73 -16.47 -19.28
N GLY A 477 -12.59 -17.06 -18.90
CA GLY A 477 -11.32 -16.37 -18.93
C GLY A 477 -10.61 -16.43 -17.60
N ALA A 478 -9.37 -15.96 -17.62
CA ALA A 478 -8.54 -15.91 -16.42
C ALA A 478 -9.08 -14.86 -15.46
N LYS A 479 -9.48 -15.30 -14.28
CA LYS A 479 -9.97 -14.42 -13.24
C LYS A 479 -9.08 -14.58 -12.02
N ARG A 480 -8.71 -13.47 -11.39
CA ARG A 480 -7.93 -13.53 -10.18
C ARG A 480 -8.69 -12.80 -9.07
N VAL A 481 -8.59 -13.36 -7.89
CA VAL A 481 -9.28 -12.90 -6.70
C VAL A 481 -8.23 -12.36 -5.76
N VAL A 482 -8.51 -11.25 -5.10
CA VAL A 482 -7.50 -10.69 -4.22
C VAL A 482 -8.13 -9.94 -3.07
N GLN A 483 -7.46 -10.07 -1.93
CA GLN A 483 -7.53 -9.26 -0.72
C GLN A 483 -8.87 -9.34 -0.02
N PRO A 484 -9.07 -10.33 0.84
CA PRO A 484 -10.23 -10.31 1.74
C PRO A 484 -10.18 -9.08 2.64
N GLU A 485 -11.33 -8.44 2.80
CA GLU A 485 -11.48 -7.26 3.67
C GLU A 485 -12.82 -7.37 4.38
N TYR A 486 -12.80 -7.25 5.70
CA TYR A 486 -14.05 -7.32 6.44
C TYR A 486 -14.78 -5.97 6.46
N ASN A 487 -16.09 -6.02 6.72
CA ASN A 487 -16.86 -4.83 7.04
C ASN A 487 -16.66 -4.44 8.51
N LYS A 488 -17.32 -3.36 8.94
CA LYS A 488 -17.05 -2.82 10.26
C LYS A 488 -17.50 -3.78 11.35
N ARG A 489 -18.54 -4.56 11.08
CA ARG A 489 -19.07 -5.49 12.07
C ARG A 489 -18.28 -6.78 12.16
N GLY A 490 -17.41 -7.06 11.19
CA GLY A 490 -16.76 -8.34 11.12
C GLY A 490 -17.61 -9.50 10.61
N ASP A 491 -18.77 -9.24 10.02
CA ASP A 491 -19.66 -10.32 9.63
C ASP A 491 -19.84 -10.44 8.11
N GLU A 492 -19.12 -9.65 7.34
CA GLU A 492 -19.03 -9.78 5.89
C GLU A 492 -17.57 -9.73 5.50
N VAL A 493 -17.22 -10.48 4.46
CA VAL A 493 -15.89 -10.43 3.90
C VAL A 493 -16.01 -10.14 2.42
N TRP A 494 -15.29 -9.11 1.95
CA TRP A 494 -15.32 -8.63 0.59
C TRP A 494 -14.05 -9.04 -0.17
N PHE A 495 -14.20 -9.34 -1.45
CA PHE A 495 -13.10 -9.74 -2.32
C PHE A 495 -13.17 -8.98 -3.64
N SER A 496 -11.99 -8.66 -4.20
CA SER A 496 -11.92 -8.07 -5.54
C SER A 496 -11.72 -9.19 -6.55
N VAL A 497 -12.49 -9.14 -7.64
CA VAL A 497 -12.39 -10.11 -8.73
C VAL A 497 -12.31 -9.37 -10.05
N TRP A 498 -11.52 -9.90 -10.97
CA TRP A 498 -11.28 -9.22 -12.24
C TRP A 498 -11.02 -10.29 -13.29
N ASN A 499 -11.73 -10.20 -14.42
CA ASN A 499 -11.52 -11.10 -15.55
C ASN A 499 -10.55 -10.43 -16.51
N GLY A 500 -9.36 -11.00 -16.65
CA GLY A 500 -8.35 -10.41 -17.52
C GLY A 500 -8.77 -10.36 -18.98
N LYS A 501 -9.68 -11.23 -19.39
CA LYS A 501 -10.07 -11.30 -20.80
C LYS A 501 -10.85 -10.05 -21.22
N ASN A 502 -11.97 -9.77 -20.54
CA ASN A 502 -12.94 -8.79 -21.05
C ASN A 502 -12.93 -7.45 -20.30
N ASP A 503 -12.01 -7.26 -19.35
CA ASP A 503 -11.94 -6.04 -18.54
C ASP A 503 -12.98 -5.99 -17.43
N SER A 504 -13.71 -7.07 -17.18
CA SER A 504 -14.87 -7.06 -16.31
C SER A 504 -14.47 -7.39 -14.86
N SER A 505 -15.19 -6.80 -13.91
CA SER A 505 -14.78 -6.83 -12.51
C SER A 505 -16.00 -6.96 -11.62
N ALA A 506 -15.75 -7.38 -10.38
CA ALA A 506 -16.80 -7.42 -9.38
C ALA A 506 -16.17 -7.39 -8.01
N LEU A 507 -16.95 -6.97 -7.03
CA LEU A 507 -16.66 -7.24 -5.62
C LEU A 507 -17.63 -8.32 -5.15
N VAL A 508 -17.10 -9.36 -4.54
CA VAL A 508 -17.90 -10.47 -4.05
C VAL A 508 -17.95 -10.37 -2.53
N VAL A 509 -19.14 -10.48 -1.95
CA VAL A 509 -19.37 -10.34 -0.52
C VAL A 509 -19.88 -11.66 0.03
N VAL A 510 -19.19 -12.18 1.04
CA VAL A 510 -19.54 -13.43 1.72
C VAL A 510 -20.06 -13.12 3.11
N ASP A 511 -21.12 -13.83 3.50
CA ASP A 511 -21.59 -13.84 4.88
C ASP A 511 -20.62 -14.66 5.72
N ASP A 512 -19.94 -14.01 6.66
CA ASP A 512 -18.90 -14.71 7.41
C ASP A 512 -19.49 -15.73 8.39
N LYS A 513 -20.74 -15.59 8.80
CA LYS A 513 -21.31 -16.57 9.73
C LYS A 513 -21.72 -17.86 9.03
N THR A 514 -22.09 -17.80 7.75
CA THR A 514 -22.58 -18.96 7.02
C THR A 514 -21.66 -19.44 5.92
N LEU A 515 -20.71 -18.58 5.50
CA LEU A 515 -19.80 -18.82 4.39
C LEU A 515 -20.56 -18.94 3.06
N LYS A 516 -21.74 -18.31 3.00
CA LYS A 516 -22.54 -18.28 1.80
C LYS A 516 -22.36 -16.95 1.07
N LEU A 517 -22.60 -16.97 -0.23
CA LEU A 517 -22.59 -15.75 -1.01
C LEU A 517 -23.70 -14.82 -0.53
N LYS A 518 -23.34 -13.57 -0.31
CA LYS A 518 -24.28 -12.56 0.15
C LYS A 518 -24.60 -11.50 -0.89
N ALA A 519 -23.62 -11.05 -1.66
CA ALA A 519 -23.85 -10.02 -2.67
C ALA A 519 -22.74 -10.04 -3.71
N VAL A 520 -23.06 -9.52 -4.89
CA VAL A 520 -22.04 -9.29 -5.91
C VAL A 520 -22.20 -7.86 -6.40
N VAL A 521 -21.17 -7.04 -6.21
CA VAL A 521 -21.16 -5.64 -6.64
C VAL A 521 -20.62 -5.59 -8.06
N LYS A 522 -21.46 -5.17 -9.01
CA LYS A 522 -21.06 -5.00 -10.39
C LYS A 522 -21.51 -3.61 -10.86
N ASP A 523 -20.64 -2.95 -11.58
CA ASP A 523 -20.88 -1.57 -12.01
C ASP A 523 -19.83 -1.28 -13.08
N PRO A 524 -20.22 -0.77 -14.24
CA PRO A 524 -19.20 -0.39 -15.24
C PRO A 524 -18.16 0.58 -14.69
N ARG A 525 -18.46 1.34 -13.65
CA ARG A 525 -17.47 2.25 -13.11
C ARG A 525 -16.39 1.55 -12.31
N LEU A 526 -16.59 0.27 -11.98
CA LEU A 526 -15.67 -0.51 -11.16
C LEU A 526 -14.57 -1.09 -12.06
N ILE A 527 -13.56 -0.28 -12.31
CA ILE A 527 -12.47 -0.60 -13.25
C ILE A 527 -11.28 -1.10 -12.46
N THR A 528 -10.85 -2.33 -12.71
CA THR A 528 -9.69 -2.94 -12.05
C THR A 528 -9.67 -2.65 -10.55
N PRO A 529 -10.70 -3.04 -9.80
CA PRO A 529 -10.67 -2.89 -8.35
C PRO A 529 -9.57 -3.75 -7.74
N THR A 530 -8.74 -3.14 -6.91
CA THR A 530 -7.68 -3.87 -6.24
C THR A 530 -7.88 -3.72 -4.74
N GLY A 531 -7.15 -2.82 -4.09
CA GLY A 531 -7.27 -2.68 -2.64
C GLY A 531 -8.62 -2.13 -2.23
N LYS A 532 -9.16 -2.69 -1.14
CA LYS A 532 -10.41 -2.27 -0.53
C LYS A 532 -10.12 -1.98 0.93
N PHE A 533 -10.49 -0.80 1.39
CA PHE A 533 -10.18 -0.38 2.74
C PHE A 533 -11.48 0.01 3.43
N ASN A 534 -11.93 -0.84 4.35
CA ASN A 534 -13.08 -0.49 5.16
C ASN A 534 -12.69 0.63 6.10
N VAL A 535 -13.54 1.66 6.21
CA VAL A 535 -13.15 2.85 6.95
C VAL A 535 -12.83 2.50 8.40
N TYR A 536 -13.76 1.83 9.09
CA TYR A 536 -13.57 1.54 10.50
C TYR A 536 -12.35 0.67 10.74
N ASN A 537 -12.20 -0.41 9.96
CA ASN A 537 -11.09 -1.35 10.18
C ASN A 537 -9.74 -0.73 9.82
N THR A 538 -9.71 0.21 8.88
CA THR A 538 -8.47 0.93 8.58
C THR A 538 -8.16 1.96 9.66
N GLN A 539 -9.18 2.71 10.09
CA GLN A 539 -9.01 3.69 11.15
C GLN A 539 -8.47 3.05 12.42
N HIS A 540 -8.99 1.90 12.80
CA HIS A 540 -8.68 1.29 14.09
C HIS A 540 -7.68 0.13 14.02
N ASP A 541 -7.02 -0.07 12.87
CA ASP A 541 -5.97 -1.08 12.72
C ASP A 541 -6.48 -2.46 13.14
N VAL A 542 -7.63 -2.85 12.59
CA VAL A 542 -8.34 -4.06 12.98
C VAL A 542 -7.92 -5.15 12.01
N TYR A 543 -7.02 -6.01 12.44
CA TYR A 543 -6.57 -7.16 11.66
C TYR A 543 -5.79 -8.12 12.54
#